data_6O9V
#
_entry.id   6O9V
#
_cell.length_a   83.298
_cell.length_b   114.683
_cell.length_c   89.457
_cell.angle_alpha   90.000
_cell.angle_beta   90.000
_cell.angle_gamma   90.000
#
_symmetry.space_group_name_H-M   'P 21 21 2'
#
loop_
_entity.id
_entity.type
_entity.pdbx_description
1 polymer 'Inward rectifier potassium channel Kirbac3.1'
2 non-polymer 'trimethylamine oxide'
3 non-polymer 'POTASSIUM ION'
4 non-polymer DECYLAMINE-N,N-DIMETHYL-N-OXIDE
5 non-polymer '1,1-Methanediyl Bismethanethiosulfonate'
6 water water
#
_entity_poly.entity_id   1
_entity_poly.type   'polypeptide(L)'
_entity_poly.pdbx_seq_one_letter_code
;MTGGMKPPARKPRILNSDGSSNITRLGLEKRGWLDDHYHDLLTVSWPVFITLITGLYLVTNALFALAYLAVGDVIENARP
GSFTDAFFFSVQTMATIGYGKLIPIGPLANTLVTLEALVGMLGLAVAACLIYARCTRPTAGVLFSSRMVISDFEGKPTLM
MRLANLRIEQIIEADVHLVLVRSEISQEGMVFRRFHDLTLTRSRSPIFSLSWTVMHPIDHHSPIYGETDETLRNSHSEFL
VLFTGHHEAFAQNVHARHAYSSDEIIWGGHFVDVFTTLPDGRRALDLGKFHEIAQHHHHHH
;
_entity_poly.pdbx_strand_id   A,B
#
# COMPACT_ATOMS: atom_id res chain seq x y z
N PRO A 12 11.70 14.21 -25.55
CA PRO A 12 12.55 13.19 -24.95
C PRO A 12 12.78 13.41 -23.45
N ARG A 13 11.68 13.49 -22.70
CA ARG A 13 11.71 13.77 -21.27
C ARG A 13 11.39 12.50 -20.49
N ILE A 14 12.23 12.17 -19.51
CA ILE A 14 12.08 10.92 -18.77
C ILE A 14 10.99 11.04 -17.70
N LEU A 15 10.88 12.19 -17.05
CA LEU A 15 9.93 12.41 -15.98
C LEU A 15 8.96 13.52 -16.36
N ASN A 16 7.67 13.27 -16.12
CA ASN A 16 6.66 14.29 -16.36
C ASN A 16 6.65 15.30 -15.22
N SER A 17 5.97 16.43 -15.45
CA SER A 17 5.93 17.49 -14.45
C SER A 17 5.27 17.03 -13.16
N ASP A 18 4.40 16.01 -13.23
CA ASP A 18 3.79 15.48 -12.02
C ASP A 18 4.71 14.54 -11.26
N GLY A 19 5.75 14.02 -11.90
CA GLY A 19 6.66 13.06 -11.32
C GLY A 19 6.60 11.68 -11.94
N SER A 20 5.51 11.36 -12.61
CA SER A 20 5.37 10.05 -13.23
C SER A 20 6.37 9.89 -14.38
N SER A 21 6.82 8.65 -14.57
CA SER A 21 7.76 8.34 -15.64
C SER A 21 7.04 8.26 -16.97
N ASN A 22 7.70 8.77 -18.02
CA ASN A 22 7.13 8.74 -19.37
C ASN A 22 7.21 7.36 -20.01
N ILE A 23 8.04 6.46 -19.50
CA ILE A 23 8.29 5.18 -20.17
C ILE A 23 6.98 4.41 -20.21
N THR A 24 6.60 3.96 -21.40
CA THR A 24 5.39 3.16 -21.57
C THR A 24 5.64 1.75 -21.05
N ARG A 25 4.77 1.28 -20.17
CA ARG A 25 4.95 -0.01 -19.52
C ARG A 25 4.36 -1.12 -20.38
N LEU A 26 5.16 -2.14 -20.66
CA LEU A 26 4.74 -3.26 -21.50
C LEU A 26 4.35 -4.47 -20.66
N ASP A 35 -5.24 -12.87 -10.02
CA ASP A 35 -5.48 -11.44 -10.20
C ASP A 35 -4.86 -10.63 -9.05
N ASP A 36 -4.89 -9.30 -9.20
CA ASP A 36 -4.45 -8.37 -8.17
C ASP A 36 -5.67 -7.64 -7.61
N HIS A 37 -6.58 -8.39 -6.98
CA HIS A 37 -7.92 -7.89 -6.70
C HIS A 37 -7.89 -6.70 -5.75
N TYR A 38 -7.21 -6.84 -4.61
CA TYR A 38 -7.26 -5.79 -3.59
C TYR A 38 -6.74 -4.47 -4.13
N HIS A 39 -5.63 -4.50 -4.87
CA HIS A 39 -5.13 -3.29 -5.50
C HIS A 39 -6.09 -2.77 -6.55
N ASP A 40 -6.68 -3.66 -7.36
CA ASP A 40 -7.58 -3.23 -8.41
C ASP A 40 -8.84 -2.60 -7.85
N LEU A 41 -9.32 -3.08 -6.72
CA LEU A 41 -10.53 -2.53 -6.11
C LEU A 41 -10.33 -1.06 -5.75
N LEU A 42 -9.23 -0.74 -5.08
CA LEU A 42 -8.94 0.64 -4.72
C LEU A 42 -8.43 1.46 -5.91
N THR A 43 -7.99 0.79 -6.98
CA THR A 43 -7.44 1.51 -8.14
C THR A 43 -8.54 2.10 -9.00
N VAL A 44 -9.61 1.35 -9.24
CA VAL A 44 -10.65 1.79 -10.15
C VAL A 44 -11.28 3.09 -9.64
N SER A 45 -11.95 3.78 -10.55
CA SER A 45 -12.55 5.08 -10.24
C SER A 45 -13.75 4.90 -9.30
N TRP A 46 -14.23 6.02 -8.76
CA TRP A 46 -15.39 5.96 -7.87
C TRP A 46 -16.64 5.48 -8.58
N PRO A 47 -17.00 5.97 -9.79
CA PRO A 47 -18.18 5.39 -10.46
C PRO A 47 -18.07 3.91 -10.72
N VAL A 48 -16.90 3.45 -11.22
CA VAL A 48 -16.70 2.02 -11.46
C VAL A 48 -16.79 1.23 -10.17
N PHE A 49 -16.34 1.83 -9.06
CA PHE A 49 -16.45 1.15 -7.77
C PHE A 49 -17.89 0.98 -7.33
N ILE A 50 -18.71 2.03 -7.51
CA ILE A 50 -20.11 1.95 -7.13
C ILE A 50 -20.83 0.88 -7.95
N THR A 51 -20.45 0.74 -9.22
CA THR A 51 -21.10 -0.23 -10.09
C THR A 51 -20.85 -1.66 -9.62
N LEU A 52 -19.61 -1.96 -9.22
CA LEU A 52 -19.26 -3.32 -8.82
C LEU A 52 -20.07 -3.76 -7.62
N ILE A 53 -20.24 -2.88 -6.63
CA ILE A 53 -21.07 -3.22 -5.47
C ILE A 53 -22.49 -3.53 -5.91
N THR A 54 -23.06 -2.66 -6.75
CA THR A 54 -24.42 -2.87 -7.24
C THR A 54 -24.55 -4.21 -7.93
N GLY A 55 -23.70 -4.48 -8.91
CA GLY A 55 -23.74 -5.76 -9.60
C GLY A 55 -23.60 -6.94 -8.65
N LEU A 56 -22.61 -6.87 -7.76
CA LEU A 56 -22.40 -7.94 -6.79
C LEU A 56 -23.58 -8.06 -5.83
N TYR A 57 -24.24 -6.94 -5.53
CA TYR A 57 -25.39 -6.96 -4.65
C TYR A 57 -26.59 -7.59 -5.34
N LEU A 58 -26.82 -7.25 -6.61
CA LEU A 58 -27.93 -7.81 -7.35
C LEU A 58 -27.73 -9.29 -7.62
N VAL A 59 -26.53 -9.69 -8.03
CA VAL A 59 -26.28 -11.09 -8.37
C VAL A 59 -26.40 -11.96 -7.13
N THR A 60 -25.90 -11.49 -6.00
CA THR A 60 -26.05 -12.24 -4.75
C THR A 60 -27.52 -12.39 -4.38
N ASN A 61 -28.32 -11.32 -4.59
CA ASN A 61 -29.76 -11.42 -4.36
C ASN A 61 -30.42 -12.30 -5.42
N ALA A 62 -29.91 -12.30 -6.65
CA ALA A 62 -30.46 -13.17 -7.68
C ALA A 62 -30.14 -14.63 -7.38
N LEU A 63 -28.92 -14.91 -6.94
CA LEU A 63 -28.57 -16.28 -6.58
C LEU A 63 -29.37 -16.76 -5.38
N PHE A 64 -29.57 -15.89 -4.38
CA PHE A 64 -30.34 -16.30 -3.21
C PHE A 64 -31.82 -16.48 -3.55
N ALA A 65 -32.32 -15.73 -4.53
CA ALA A 65 -33.69 -15.95 -5.00
C ALA A 65 -33.82 -17.31 -5.67
N LEU A 66 -32.86 -17.65 -6.53
CA LEU A 66 -32.87 -18.98 -7.15
C LEU A 66 -32.68 -20.08 -6.12
N ALA A 67 -32.11 -19.75 -4.96
CA ALA A 67 -31.94 -20.73 -3.89
C ALA A 67 -33.29 -21.16 -3.33
N TYR A 68 -34.09 -20.19 -2.84
CA TYR A 68 -35.41 -20.49 -2.32
C TYR A 68 -36.28 -21.18 -3.36
N LEU A 69 -36.25 -20.69 -4.60
CA LEU A 69 -37.08 -21.28 -5.65
C LEU A 69 -36.63 -22.69 -6.00
N ALA A 70 -35.33 -22.95 -5.97
CA ALA A 70 -34.79 -24.24 -6.36
C ALA A 70 -34.77 -25.26 -5.23
N VAL A 71 -35.36 -24.92 -4.07
CA VAL A 71 -35.41 -25.86 -2.95
C VAL A 71 -36.61 -25.57 -2.05
N GLY A 72 -37.82 -25.73 -2.57
CA GLY A 72 -39.00 -25.65 -1.72
C GLY A 72 -40.11 -24.77 -2.24
N ASP A 73 -39.78 -23.53 -2.59
CA ASP A 73 -40.77 -22.54 -3.02
C ASP A 73 -41.73 -22.24 -1.86
N VAL A 74 -41.20 -21.66 -0.79
CA VAL A 74 -41.94 -21.45 0.44
C VAL A 74 -42.14 -19.98 0.75
N ILE A 75 -41.82 -19.09 -0.17
CA ILE A 75 -42.00 -17.65 0.05
C ILE A 75 -43.49 -17.34 0.12
N GLU A 76 -43.95 -16.92 1.29
CA GLU A 76 -45.36 -16.64 1.51
C GLU A 76 -45.80 -15.37 0.79
N ASN A 77 -47.08 -15.33 0.43
CA ASN A 77 -47.71 -14.15 -0.17
C ASN A 77 -47.00 -13.73 -1.45
N ALA A 78 -46.55 -14.72 -2.22
CA ALA A 78 -45.80 -14.45 -3.43
C ALA A 78 -46.16 -15.48 -4.50
N ARG A 79 -46.18 -15.03 -5.75
CA ARG A 79 -46.48 -15.87 -6.90
C ARG A 79 -45.49 -17.04 -6.97
N PRO A 80 -45.96 -18.27 -6.78
CA PRO A 80 -45.03 -19.41 -6.81
C PRO A 80 -44.41 -19.60 -8.19
N GLY A 81 -43.10 -19.85 -8.20
CA GLY A 81 -42.35 -19.99 -9.44
C GLY A 81 -41.89 -18.68 -10.05
N SER A 82 -42.34 -17.55 -9.53
CA SER A 82 -41.95 -16.24 -10.04
C SER A 82 -40.63 -15.83 -9.40
N PHE A 83 -39.59 -15.66 -10.23
CA PHE A 83 -38.30 -15.19 -9.71
C PHE A 83 -38.40 -13.77 -9.19
N THR A 84 -39.30 -12.96 -9.75
CA THR A 84 -39.42 -11.56 -9.35
C THR A 84 -39.71 -11.43 -7.87
N ASP A 85 -40.69 -12.19 -7.37
CA ASP A 85 -41.04 -12.13 -5.95
C ASP A 85 -39.91 -12.69 -5.08
N ALA A 86 -39.11 -13.61 -5.63
CA ALA A 86 -38.03 -14.21 -4.85
C ALA A 86 -36.85 -13.26 -4.72
N PHE A 87 -36.49 -12.58 -5.82
CA PHE A 87 -35.43 -11.59 -5.77
C PHE A 87 -35.74 -10.51 -4.74
N PHE A 88 -36.99 -10.04 -4.71
CA PHE A 88 -37.33 -8.94 -3.81
C PHE A 88 -37.50 -9.41 -2.38
N PHE A 89 -37.77 -10.69 -2.17
CA PHE A 89 -37.72 -11.22 -0.81
C PHE A 89 -36.28 -11.38 -0.36
N SER A 90 -35.42 -11.91 -1.24
CA SER A 90 -34.00 -12.03 -0.93
C SER A 90 -33.38 -10.67 -0.62
N VAL A 91 -33.78 -9.65 -1.37
CA VAL A 91 -33.28 -8.30 -1.10
C VAL A 91 -33.67 -7.86 0.30
N GLN A 92 -34.97 -7.87 0.60
CA GLN A 92 -35.44 -7.46 1.92
C GLN A 92 -34.83 -8.31 3.02
N THR A 93 -34.42 -9.54 2.71
CA THR A 93 -33.79 -10.40 3.70
C THR A 93 -32.31 -10.07 3.86
N MET A 94 -31.59 -9.86 2.75
CA MET A 94 -30.19 -9.48 2.85
C MET A 94 -30.04 -8.05 3.35
N ALA A 95 -30.95 -7.16 2.96
CA ALA A 95 -30.99 -5.80 3.44
C ALA A 95 -31.75 -5.65 4.75
N THR A 96 -32.07 -6.77 5.41
CA THR A 96 -32.69 -6.82 6.74
C THR A 96 -33.83 -5.81 6.90
N ILE A 97 -34.71 -5.75 5.89
CA ILE A 97 -35.89 -4.88 5.99
C ILE A 97 -37.02 -5.59 6.71
N GLY A 98 -37.34 -6.81 6.29
CA GLY A 98 -38.35 -7.60 6.95
C GLY A 98 -39.69 -6.91 7.07
N TYR A 99 -40.34 -6.65 5.93
CA TYR A 99 -41.64 -6.00 5.95
C TYR A 99 -42.68 -6.86 6.65
N GLY A 100 -42.72 -8.16 6.32
CA GLY A 100 -43.64 -9.10 6.93
C GLY A 100 -44.53 -9.82 5.93
N LYS A 101 -44.87 -9.14 4.83
CA LYS A 101 -45.71 -9.79 3.82
C LYS A 101 -45.03 -11.04 3.28
N LEU A 102 -43.81 -10.90 2.80
CA LEU A 102 -43.00 -12.03 2.34
C LEU A 102 -42.22 -12.58 3.52
N ILE A 103 -42.59 -13.77 3.98
CA ILE A 103 -41.98 -14.39 5.15
C ILE A 103 -41.54 -15.80 4.79
N PRO A 104 -40.42 -16.29 5.31
CA PRO A 104 -40.03 -17.69 5.05
C PRO A 104 -40.97 -18.67 5.72
N ILE A 105 -41.00 -19.89 5.16
CA ILE A 105 -41.83 -20.97 5.67
C ILE A 105 -40.98 -22.23 5.72
N GLY A 106 -40.95 -22.89 6.88
CA GLY A 106 -40.29 -24.16 7.02
C GLY A 106 -38.81 -24.03 7.28
N PRO A 107 -38.16 -25.17 7.56
CA PRO A 107 -36.73 -25.12 7.88
C PRO A 107 -35.84 -24.79 6.70
N LEU A 108 -36.25 -25.11 5.47
CA LEU A 108 -35.41 -24.85 4.30
C LEU A 108 -35.22 -23.36 4.07
N ALA A 109 -36.30 -22.58 4.16
CA ALA A 109 -36.17 -21.14 3.96
C ALA A 109 -35.50 -20.47 5.15
N ASN A 110 -35.86 -20.88 6.37
CA ASN A 110 -35.27 -20.30 7.57
C ASN A 110 -33.77 -20.57 7.65
N THR A 111 -33.30 -21.69 7.10
CA THR A 111 -31.87 -21.97 7.07
C THR A 111 -31.15 -21.01 6.13
N LEU A 112 -31.73 -20.75 4.95
CA LEU A 112 -31.14 -19.80 4.02
C LEU A 112 -31.29 -18.37 4.50
N VAL A 113 -32.36 -18.08 5.24
CA VAL A 113 -32.51 -16.76 5.84
C VAL A 113 -31.37 -16.50 6.82
N THR A 114 -31.04 -17.50 7.65
CA THR A 114 -29.91 -17.37 8.56
C THR A 114 -28.60 -17.18 7.79
N LEU A 115 -28.45 -17.91 6.68
CA LEU A 115 -27.23 -17.78 5.89
C LEU A 115 -27.20 -16.48 5.12
N GLU A 116 -28.33 -16.10 4.50
CA GLU A 116 -28.38 -14.84 3.77
C GLU A 116 -28.11 -13.66 4.69
N ALA A 117 -28.60 -13.73 5.94
CA ALA A 117 -28.29 -12.70 6.91
C ALA A 117 -26.79 -12.67 7.21
N LEU A 118 -26.19 -13.85 7.43
CA LEU A 118 -24.75 -13.92 7.65
C LEU A 118 -23.99 -13.39 6.44
N VAL A 119 -24.57 -13.51 5.25
CA VAL A 119 -23.91 -13.00 4.04
C VAL A 119 -23.98 -11.48 4.01
N GLY A 120 -25.17 -10.92 4.14
CA GLY A 120 -25.34 -9.48 4.11
C GLY A 120 -24.63 -8.74 5.22
N MET A 121 -24.35 -9.42 6.34
CA MET A 121 -23.62 -8.79 7.44
C MET A 121 -22.12 -8.77 7.15
N LEU A 122 -21.56 -9.92 6.79
CA LEU A 122 -20.18 -9.95 6.30
C LEU A 122 -20.02 -9.15 5.02
N GLY A 123 -21.09 -9.09 4.21
CA GLY A 123 -21.01 -8.34 2.97
C GLY A 123 -21.00 -6.84 3.18
N LEU A 124 -21.68 -6.35 4.21
CA LEU A 124 -21.62 -4.93 4.52
C LEU A 124 -20.26 -4.56 5.12
N ALA A 125 -19.70 -5.44 5.97
CA ALA A 125 -18.43 -5.13 6.62
C ALA A 125 -17.30 -5.00 5.61
N VAL A 126 -17.30 -5.85 4.58
CA VAL A 126 -16.31 -5.71 3.52
C VAL A 126 -16.58 -4.46 2.69
N ALA A 127 -17.86 -4.07 2.56
CA ALA A 127 -18.18 -2.84 1.85
C ALA A 127 -17.63 -1.62 2.59
N ALA A 128 -17.85 -1.54 3.89
CA ALA A 128 -17.28 -0.44 4.67
C ALA A 128 -15.75 -0.50 4.69
N CYS A 129 -15.18 -1.70 4.61
CA CYS A 129 -13.73 -1.85 4.58
C CYS A 129 -13.14 -1.26 3.32
N LEU A 130 -13.74 -1.57 2.17
CA LEU A 130 -13.21 -1.07 0.90
C LEU A 130 -13.50 0.41 0.72
N ILE A 131 -14.70 0.85 1.12
CA ILE A 131 -15.00 2.28 1.03
C ILE A 131 -14.04 3.09 1.89
N TYR A 132 -13.77 2.63 3.11
CA TYR A 132 -12.92 3.40 4.02
C TYR A 132 -11.51 3.53 3.47
N ALA A 133 -10.94 2.42 2.99
CA ALA A 133 -9.57 2.44 2.47
C ALA A 133 -9.43 3.33 1.25
N ARG A 134 -10.51 3.56 0.49
CA ARG A 134 -10.39 4.37 -0.72
C ARG A 134 -10.41 5.87 -0.42
N CYS A 135 -11.14 6.31 0.60
CA CYS A 135 -11.24 7.75 0.85
C CYS A 135 -10.16 8.27 1.78
N THR A 136 -9.63 7.44 2.67
CA THR A 136 -8.57 7.85 3.58
C THR A 136 -7.21 7.79 2.89
N ARG A 137 -7.14 8.36 1.69
CA ARG A 137 -5.88 8.54 0.96
C ARG A 137 -5.83 9.99 0.51
N PRO A 138 -5.60 10.91 1.44
CA PRO A 138 -5.77 12.33 1.13
C PRO A 138 -4.62 12.90 0.32
N THR A 139 -4.97 13.86 -0.52
CA THR A 139 -3.96 14.64 -1.23
C THR A 139 -3.23 15.55 -0.27
N ALA A 140 -1.97 15.86 -0.60
CA ALA A 140 -1.15 16.65 0.29
C ALA A 140 -1.54 18.13 0.27
N GLY A 141 -2.06 18.62 -0.84
CA GLY A 141 -2.45 20.02 -0.94
C GLY A 141 -1.26 20.95 -0.89
N VAL A 142 -0.22 20.60 -1.65
CA VAL A 142 1.01 21.38 -1.69
C VAL A 142 1.21 21.86 -3.12
N LEU A 143 1.44 23.16 -3.28
CA LEU A 143 1.71 23.76 -4.58
C LEU A 143 3.21 23.87 -4.80
N PHE A 144 3.65 23.51 -6.00
CA PHE A 144 5.06 23.56 -6.38
C PHE A 144 5.30 24.73 -7.35
N SER A 145 6.49 25.31 -7.26
CA SER A 145 6.90 26.29 -8.27
C SER A 145 6.94 25.64 -9.64
N SER A 146 6.51 26.39 -10.66
CA SER A 146 6.52 25.87 -12.02
C SER A 146 7.89 25.91 -12.66
N ARG A 147 8.89 26.43 -11.96
CA ARG A 147 10.25 26.55 -12.49
C ARG A 147 11.22 26.72 -11.34
N MET A 148 12.49 26.44 -11.60
CA MET A 148 13.55 26.60 -10.61
C MET A 148 14.45 27.76 -11.02
N VAL A 149 15.06 28.39 -10.03
CA VAL A 149 15.98 29.50 -10.26
C VAL A 149 17.35 29.13 -9.70
N ILE A 150 18.40 29.47 -10.44
CA ILE A 150 19.78 29.32 -9.99
C ILE A 150 20.35 30.73 -9.87
N SER A 151 20.51 31.19 -8.63
CA SER A 151 21.02 32.53 -8.38
C SER A 151 21.92 32.49 -7.15
N ASP A 152 22.52 33.64 -6.86
CA ASP A 152 23.47 33.78 -5.76
C ASP A 152 22.69 34.08 -4.48
N PHE A 153 22.74 33.16 -3.54
CA PHE A 153 22.21 33.37 -2.19
C PHE A 153 23.39 33.40 -1.22
N GLU A 154 23.62 34.55 -0.61
CA GLU A 154 24.79 34.77 0.25
C GLU A 154 26.08 34.46 -0.50
N GLY A 155 26.16 34.96 -1.73
CA GLY A 155 27.34 34.79 -2.55
C GLY A 155 27.30 33.58 -3.44
N LYS A 156 27.23 32.40 -2.82
CA LYS A 156 27.28 31.14 -3.56
C LYS A 156 26.03 30.97 -4.41
N PRO A 157 26.17 30.44 -5.63
CA PRO A 157 24.99 30.18 -6.47
C PRO A 157 24.25 28.94 -5.97
N THR A 158 22.96 29.10 -5.68
CA THR A 158 22.15 28.05 -5.10
C THR A 158 20.93 27.80 -5.98
N LEU A 159 20.71 26.54 -6.34
CA LEU A 159 19.51 26.18 -7.07
C LEU A 159 18.30 26.18 -6.14
N MET A 160 17.22 26.81 -6.57
CA MET A 160 16.08 27.04 -5.69
C MET A 160 14.79 26.59 -6.36
N MET A 161 13.87 26.13 -5.51
CA MET A 161 12.49 25.88 -5.88
C MET A 161 11.70 25.95 -4.59
N ARG A 162 10.51 26.55 -4.62
CA ARG A 162 9.75 26.74 -3.41
C ARG A 162 8.38 26.09 -3.53
N LEU A 163 7.78 25.82 -2.37
CA LEU A 163 6.46 25.23 -2.27
C LEU A 163 5.68 25.93 -1.17
N ALA A 164 4.35 25.82 -1.25
CA ALA A 164 3.47 26.47 -0.30
C ALA A 164 2.33 25.54 0.09
N ASN A 165 1.76 25.81 1.27
CA ASN A 165 0.64 25.03 1.79
C ASN A 165 -0.66 25.71 1.41
N LEU A 166 -1.59 24.95 0.83
CA LEU A 166 -2.88 25.47 0.40
C LEU A 166 -4.00 25.26 1.42
N ARG A 167 -3.67 24.88 2.64
CA ARG A 167 -4.66 24.64 3.68
C ARG A 167 -4.25 25.34 4.96
N ILE A 168 -5.24 25.74 5.76
CA ILE A 168 -4.94 26.43 7.01
C ILE A 168 -4.17 25.50 7.94
N GLU A 169 -4.50 24.21 7.92
CA GLU A 169 -3.82 23.25 8.77
C GLU A 169 -2.35 23.13 8.36
N GLN A 170 -1.51 22.82 9.34
CA GLN A 170 -0.07 22.75 9.15
C GLN A 170 0.37 21.31 8.91
N ILE A 171 1.57 21.18 8.36
CA ILE A 171 2.19 19.88 8.09
C ILE A 171 3.40 19.75 8.99
N ILE A 172 3.45 18.65 9.74
CA ILE A 172 4.46 18.42 10.76
C ILE A 172 5.55 17.55 10.16
N GLU A 173 6.81 17.88 10.47
CA GLU A 173 7.96 17.11 10.02
C GLU A 173 7.93 16.95 8.50
N ALA A 174 7.97 18.09 7.82
CA ALA A 174 7.93 18.13 6.36
C ALA A 174 9.32 17.91 5.81
N ASP A 175 9.45 16.95 4.90
CA ASP A 175 10.72 16.60 4.28
C ASP A 175 10.65 16.79 2.78
N VAL A 176 11.60 17.53 2.23
CA VAL A 176 11.73 17.68 0.78
C VAL A 176 12.96 16.90 0.35
N HIS A 177 12.84 16.23 -0.80
CA HIS A 177 13.94 15.45 -1.37
C HIS A 177 14.10 15.86 -2.82
N LEU A 178 15.25 16.44 -3.15
CA LEU A 178 15.55 16.94 -4.48
C LEU A 178 16.59 16.03 -5.11
N VAL A 179 16.25 15.43 -6.25
CA VAL A 179 17.09 14.42 -6.91
C VAL A 179 17.39 14.88 -8.33
N LEU A 180 18.65 14.78 -8.73
CA LEU A 180 19.08 15.10 -10.08
C LEU A 180 19.13 13.83 -10.92
N VAL A 181 18.30 13.77 -11.96
CA VAL A 181 18.25 12.64 -12.88
C VAL A 181 18.90 13.09 -14.18
N ARG A 182 19.95 12.39 -14.60
CA ARG A 182 20.59 12.70 -15.87
C ARG A 182 21.24 11.44 -16.42
N SER A 183 21.55 11.49 -17.71
CA SER A 183 22.19 10.38 -18.41
C SER A 183 23.70 10.63 -18.50
N GLU A 184 24.49 9.66 -18.06
CA GLU A 184 25.93 9.79 -18.04
C GLU A 184 26.57 8.44 -18.36
N ILE A 185 27.87 8.46 -18.59
CA ILE A 185 28.63 7.28 -19.00
C ILE A 185 29.59 6.89 -17.89
N SER A 186 29.66 5.59 -17.60
CA SER A 186 30.52 5.10 -16.54
C SER A 186 31.95 4.90 -17.05
N GLN A 187 32.85 4.61 -16.11
CA GLN A 187 34.21 4.21 -16.49
C GLN A 187 34.21 2.89 -17.25
N GLU A 188 33.21 2.04 -17.02
CA GLU A 188 33.11 0.76 -17.71
C GLU A 188 32.60 0.87 -19.13
N GLY A 189 32.35 2.09 -19.62
CA GLY A 189 31.96 2.28 -21.00
C GLY A 189 30.49 2.13 -21.32
N MET A 190 29.65 1.90 -20.31
CA MET A 190 28.21 1.78 -20.52
C MET A 190 27.52 3.06 -20.09
N VAL A 191 26.64 3.57 -20.95
CA VAL A 191 25.87 4.78 -20.66
C VAL A 191 24.57 4.38 -19.97
N PHE A 192 24.16 5.18 -18.98
CA PHE A 192 22.95 4.90 -18.22
C PHE A 192 22.38 6.23 -17.73
N ARG A 193 21.54 6.16 -16.69
CA ARG A 193 20.94 7.35 -16.07
C ARG A 193 21.01 7.18 -14.56
N ARG A 194 21.81 8.01 -13.91
CA ARG A 194 21.98 7.98 -12.45
C ARG A 194 21.13 9.05 -11.79
N PHE A 195 20.81 8.81 -10.51
CA PHE A 195 20.01 9.71 -9.70
C PHE A 195 20.91 10.28 -8.60
N HIS A 196 21.19 11.57 -8.68
CA HIS A 196 22.04 12.25 -7.69
C HIS A 196 21.16 12.95 -6.67
N ASP A 197 21.44 12.71 -5.39
CA ASP A 197 20.72 13.37 -4.30
C ASP A 197 21.30 14.76 -4.10
N LEU A 198 20.51 15.79 -4.35
CA LEU A 198 20.97 17.14 -4.11
C LEU A 198 20.88 17.47 -2.63
N THR A 199 21.89 18.17 -2.12
CA THR A 199 21.98 18.51 -0.71
C THR A 199 21.31 19.86 -0.50
N LEU A 200 20.17 19.85 0.17
CA LEU A 200 19.47 21.10 0.44
C LEU A 200 20.05 21.75 1.69
N THR A 201 19.94 23.08 1.74
CA THR A 201 20.25 23.79 2.97
C THR A 201 19.40 23.24 4.12
N ARG A 202 18.14 22.94 3.85
CA ARG A 202 17.22 22.38 4.83
C ARG A 202 16.47 21.21 4.21
N SER A 203 16.67 20.01 4.76
CA SER A 203 15.97 18.82 4.29
C SER A 203 14.66 18.57 5.04
N ARG A 204 14.53 19.08 6.27
CA ARG A 204 13.34 18.86 7.08
C ARG A 204 12.88 20.16 7.72
N SER A 205 11.61 20.48 7.55
CA SER A 205 10.99 21.59 8.27
C SER A 205 10.06 21.02 9.33
N PRO A 206 10.29 21.30 10.62
CA PRO A 206 9.40 20.73 11.65
C PRO A 206 7.95 21.16 11.49
N ILE A 207 7.69 22.46 11.32
CA ILE A 207 6.35 22.98 11.10
C ILE A 207 6.32 23.70 9.76
N PHE A 208 5.50 23.22 8.83
CA PHE A 208 5.32 23.82 7.51
C PHE A 208 3.88 24.27 7.38
N SER A 209 3.64 25.58 7.53
CA SER A 209 2.28 26.12 7.51
C SER A 209 2.00 27.07 6.37
N LEU A 210 3.03 27.69 5.77
CA LEU A 210 2.84 28.68 4.72
C LEU A 210 3.65 28.32 3.48
N SER A 211 4.73 29.06 3.24
CA SER A 211 5.61 28.82 2.11
C SER A 211 6.99 28.41 2.60
N TRP A 212 7.69 27.62 1.78
CA TRP A 212 9.02 27.13 2.12
C TRP A 212 9.87 27.14 0.85
N THR A 213 10.98 27.87 0.89
CA THR A 213 11.90 27.93 -0.24
C THR A 213 13.05 26.95 -0.04
N VAL A 214 13.23 26.05 -1.00
CA VAL A 214 14.22 24.99 -0.93
C VAL A 214 15.42 25.39 -1.78
N MET A 215 16.61 25.33 -1.18
CA MET A 215 17.84 25.78 -1.82
C MET A 215 18.86 24.65 -1.86
N HIS A 216 19.56 24.54 -2.97
CA HIS A 216 20.65 23.58 -3.14
C HIS A 216 21.95 24.32 -3.42
N PRO A 217 22.79 24.56 -2.42
CA PRO A 217 24.06 25.24 -2.68
C PRO A 217 24.95 24.40 -3.59
N ILE A 218 25.46 25.06 -4.63
CA ILE A 218 26.30 24.42 -5.63
C ILE A 218 27.75 24.63 -5.19
N ASP A 219 28.29 23.67 -4.44
CA ASP A 219 29.67 23.74 -3.98
C ASP A 219 30.53 22.67 -4.66
N HIS A 220 31.62 22.27 -3.99
CA HIS A 220 32.52 21.28 -4.56
C HIS A 220 31.83 19.94 -4.73
N HIS A 221 31.19 19.44 -3.67
CA HIS A 221 30.45 18.18 -3.73
C HIS A 221 29.02 18.44 -4.16
N SER A 222 28.88 18.80 -5.44
CA SER A 222 27.60 19.07 -6.07
C SER A 222 27.66 18.55 -7.50
N PRO A 223 26.66 17.80 -7.96
CA PRO A 223 26.70 17.29 -9.34
C PRO A 223 26.38 18.35 -10.38
N ILE A 224 25.73 19.44 -9.99
CA ILE A 224 25.51 20.59 -10.89
C ILE A 224 26.72 21.51 -10.94
N TYR A 225 27.68 21.33 -10.03
CA TYR A 225 28.88 22.17 -10.01
C TYR A 225 29.63 22.04 -11.32
N GLY A 226 29.99 23.18 -11.91
CA GLY A 226 30.66 23.21 -13.18
C GLY A 226 29.75 23.16 -14.39
N GLU A 227 28.47 22.81 -14.20
CA GLU A 227 27.54 22.77 -15.31
C GLU A 227 27.09 24.18 -15.67
N THR A 228 26.52 24.29 -16.87
CA THR A 228 26.00 25.56 -17.34
C THR A 228 24.61 25.38 -17.92
N ASP A 229 24.09 26.42 -18.58
CA ASP A 229 22.78 26.32 -19.19
C ASP A 229 22.74 25.24 -20.27
N GLU A 230 23.85 25.02 -20.97
CA GLU A 230 23.90 24.07 -22.08
C GLU A 230 24.20 22.65 -21.61
N THR A 231 25.17 22.48 -20.71
CA THR A 231 25.62 21.14 -20.34
C THR A 231 24.48 20.33 -19.71
N LEU A 232 23.63 20.98 -18.91
CA LEU A 232 22.50 20.28 -18.32
C LEU A 232 21.57 19.73 -19.39
N ARG A 233 21.22 20.56 -20.39
CA ARG A 233 20.35 20.11 -21.46
C ARG A 233 21.02 19.02 -22.30
N ASN A 234 22.33 19.14 -22.51
CA ASN A 234 23.03 18.19 -23.36
C ASN A 234 23.07 16.80 -22.76
N SER A 235 23.06 16.71 -21.43
CA SER A 235 23.02 15.43 -20.73
C SER A 235 21.62 14.99 -20.36
N HIS A 236 20.60 15.71 -20.84
CA HIS A 236 19.20 15.40 -20.58
C HIS A 236 18.92 15.37 -19.08
N SER A 237 19.48 16.35 -18.37
CA SER A 237 19.32 16.40 -16.93
C SER A 237 17.90 16.78 -16.54
N GLU A 238 17.36 16.07 -15.55
CA GLU A 238 16.03 16.31 -15.04
C GLU A 238 16.07 16.32 -13.52
N PHE A 239 15.16 17.08 -12.92
CA PHE A 239 15.14 17.28 -11.47
C PHE A 239 13.84 16.74 -10.91
N LEU A 240 13.93 15.83 -9.95
CA LEU A 240 12.77 15.25 -9.30
C LEU A 240 12.70 15.77 -7.86
N VAL A 241 11.50 16.16 -7.43
CA VAL A 241 11.24 16.65 -6.08
C VAL A 241 10.20 15.76 -5.42
N LEU A 242 10.41 15.46 -4.14
CA LEU A 242 9.46 14.67 -3.36
C LEU A 242 9.25 15.33 -2.02
N PHE A 243 8.00 15.66 -1.71
CA PHE A 243 7.63 16.24 -0.44
C PHE A 243 6.81 15.23 0.34
N THR A 244 7.09 15.11 1.63
CA THR A 244 6.29 14.30 2.54
C THR A 244 6.16 15.05 3.86
N GLY A 245 5.24 14.57 4.67
CA GLY A 245 4.98 15.22 5.94
C GLY A 245 3.72 14.69 6.58
N HIS A 246 3.60 14.96 7.86
CA HIS A 246 2.45 14.55 8.65
C HIS A 246 1.46 15.71 8.69
N HIS A 247 0.41 15.61 7.90
CA HIS A 247 -0.60 16.67 7.82
C HIS A 247 -1.46 16.66 9.08
N GLU A 248 -1.69 17.85 9.64
CA GLU A 248 -2.53 17.95 10.83
C GLU A 248 -4.01 17.76 10.52
N ALA A 249 -4.43 18.07 9.28
CA ALA A 249 -5.84 18.00 8.94
C ALA A 249 -6.35 16.57 8.93
N PHE A 250 -5.51 15.63 8.49
CA PHE A 250 -5.91 14.25 8.32
C PHE A 250 -5.35 13.30 9.37
N ALA A 251 -4.44 13.77 10.22
CA ALA A 251 -3.69 12.91 11.14
C ALA A 251 -3.02 11.77 10.40
N GLN A 252 -2.57 12.06 9.17
CA GLN A 252 -2.08 11.06 8.25
C GLN A 252 -0.90 11.62 7.48
N ASN A 253 -0.01 10.73 7.06
CA ASN A 253 1.13 11.14 6.25
C ASN A 253 0.66 11.44 4.83
N VAL A 254 0.90 12.68 4.38
CA VAL A 254 0.60 13.08 3.03
C VAL A 254 1.91 13.29 2.28
N HIS A 255 1.83 13.22 0.95
CA HIS A 255 2.99 13.38 0.11
C HIS A 255 2.58 13.99 -1.22
N ALA A 256 3.52 14.71 -1.83
CA ALA A 256 3.33 15.29 -3.14
C ALA A 256 4.64 15.12 -3.92
N ARG A 257 4.54 15.11 -5.24
CA ARG A 257 5.71 14.95 -6.09
C ARG A 257 5.64 15.91 -7.26
N HIS A 258 6.83 16.24 -7.78
CA HIS A 258 6.96 17.17 -8.89
C HIS A 258 8.30 16.93 -9.56
N ALA A 259 8.43 17.38 -10.81
CA ALA A 259 9.67 17.21 -11.54
C ALA A 259 9.91 18.41 -12.45
N TYR A 260 11.19 18.59 -12.80
CA TYR A 260 11.63 19.67 -13.67
C TYR A 260 12.65 19.14 -14.66
N SER A 261 12.89 19.91 -15.71
CA SER A 261 13.88 19.59 -16.73
C SER A 261 14.93 20.70 -16.79
N SER A 262 15.89 20.53 -17.69
CA SER A 262 16.93 21.54 -17.85
C SER A 262 16.35 22.84 -18.38
N ASP A 263 15.36 22.76 -19.28
CA ASP A 263 14.74 23.95 -19.85
C ASP A 263 13.82 24.66 -18.87
N GLU A 264 13.55 24.04 -17.72
CA GLU A 264 12.69 24.63 -16.70
C GLU A 264 13.44 25.53 -15.73
N ILE A 265 14.76 25.63 -15.85
CA ILE A 265 15.57 26.46 -14.96
C ILE A 265 15.77 27.82 -15.60
N ILE A 266 15.71 28.86 -14.79
CA ILE A 266 15.94 30.24 -15.23
C ILE A 266 17.12 30.77 -14.41
N TRP A 267 18.29 30.80 -15.03
CA TRP A 267 19.51 31.21 -14.33
C TRP A 267 19.45 32.69 -13.98
N GLY A 268 19.93 33.02 -12.78
CA GLY A 268 19.92 34.39 -12.32
C GLY A 268 18.57 34.91 -11.91
N GLY A 269 17.64 34.02 -11.54
CA GLY A 269 16.30 34.42 -11.14
C GLY A 269 16.10 34.42 -9.64
N HIS A 270 15.14 35.22 -9.18
CA HIS A 270 14.83 35.32 -7.77
C HIS A 270 13.31 35.27 -7.58
N PHE A 271 12.85 34.46 -6.63
CA PHE A 271 11.43 34.37 -6.36
C PHE A 271 10.94 35.64 -5.67
N VAL A 272 9.91 36.25 -6.23
CA VAL A 272 9.32 37.44 -5.64
C VAL A 272 8.78 37.10 -4.25
N ASP A 273 9.00 38.02 -3.30
CA ASP A 273 8.55 37.81 -1.93
C ASP A 273 7.03 37.65 -1.89
N VAL A 274 6.57 36.53 -1.34
CA VAL A 274 5.13 36.25 -1.26
C VAL A 274 4.50 36.82 0.00
N PHE A 275 5.27 37.51 0.85
CA PHE A 275 4.77 38.04 2.11
C PHE A 275 4.64 39.55 1.99
N THR A 276 3.41 40.02 1.77
CA THR A 276 3.09 41.44 1.66
C THR A 276 2.49 41.93 2.97
N THR A 277 1.81 43.08 2.93
CA THR A 277 1.18 43.65 4.12
C THR A 277 -0.17 44.23 3.74
N LEU A 278 -1.19 43.91 4.52
CA LEU A 278 -2.53 44.40 4.26
C LEU A 278 -2.67 45.84 4.76
N PRO A 279 -3.69 46.56 4.27
CA PRO A 279 -3.89 47.94 4.73
C PRO A 279 -4.11 48.05 6.22
N ASP A 280 -4.85 47.10 6.83
CA ASP A 280 -5.06 47.12 8.27
C ASP A 280 -3.74 46.99 9.02
N GLY A 281 -2.82 46.17 8.51
CA GLY A 281 -1.55 45.94 9.16
C GLY A 281 -1.26 44.46 9.29
N ARG A 282 -2.21 43.64 8.84
CA ARG A 282 -2.07 42.19 8.91
C ARG A 282 -1.10 41.70 7.86
N ARG A 283 -0.30 40.69 8.22
CA ARG A 283 0.62 40.04 7.30
C ARG A 283 -0.12 38.94 6.55
N ALA A 284 -0.10 39.00 5.23
CA ALA A 284 -0.83 38.05 4.40
C ALA A 284 0.12 37.28 3.50
N LEU A 285 -0.37 36.17 2.96
CA LEU A 285 0.40 35.30 2.09
C LEU A 285 -0.09 35.51 0.66
N ASP A 286 0.65 36.30 -0.11
CA ASP A 286 0.28 36.63 -1.48
C ASP A 286 0.72 35.50 -2.41
N LEU A 287 -0.18 34.54 -2.64
CA LEU A 287 0.14 33.40 -3.48
C LEU A 287 -0.06 33.68 -4.97
N GLY A 288 -0.46 34.89 -5.34
CA GLY A 288 -0.50 35.25 -6.75
C GLY A 288 0.88 35.47 -7.33
N LYS A 289 1.82 35.90 -6.48
CA LYS A 289 3.21 36.11 -6.88
C LYS A 289 4.09 34.93 -6.51
N PHE A 290 3.52 33.72 -6.47
CA PHE A 290 4.26 32.53 -6.08
C PHE A 290 5.13 32.00 -7.21
N HIS A 291 4.60 31.97 -8.44
CA HIS A 291 5.33 31.50 -9.59
C HIS A 291 6.13 32.59 -10.29
N GLU A 292 5.86 33.86 -9.98
CA GLU A 292 6.57 34.95 -10.64
C GLU A 292 8.01 35.03 -10.14
N ILE A 293 8.92 35.31 -11.07
CA ILE A 293 10.35 35.36 -10.78
C ILE A 293 10.96 36.51 -11.57
N ALA A 294 11.64 37.43 -10.87
CA ALA A 294 12.32 38.55 -11.49
C ALA A 294 13.80 38.24 -11.67
N GLN A 295 14.36 38.67 -12.80
CA GLN A 295 15.75 38.40 -13.13
C GLN A 295 16.65 39.52 -12.61
N HIS A 296 17.91 39.47 -13.01
CA HIS A 296 18.93 40.46 -12.63
C HIS A 296 19.05 40.43 -11.10
N HIS A 297 19.10 41.56 -10.42
CA HIS A 297 19.13 41.61 -8.97
C HIS A 297 17.84 42.25 -8.47
N HIS A 298 17.27 41.67 -7.41
CA HIS A 298 16.02 42.17 -6.85
C HIS A 298 15.88 41.78 -5.38
N LYS B 11 26.72 -27.56 1.83
CA LYS B 11 26.45 -26.27 2.44
C LYS B 11 24.97 -26.06 2.68
N PRO B 12 24.51 -26.16 3.93
CA PRO B 12 23.09 -25.97 4.21
C PRO B 12 22.66 -24.52 4.10
N ARG B 13 21.42 -24.32 3.66
CA ARG B 13 20.84 -22.99 3.49
C ARG B 13 19.94 -22.68 4.69
N ILE B 14 20.21 -21.56 5.35
CA ILE B 14 19.43 -21.18 6.53
C ILE B 14 18.20 -20.36 6.15
N LEU B 15 18.33 -19.44 5.20
CA LEU B 15 17.23 -18.59 4.78
C LEU B 15 16.67 -19.07 3.45
N ASN B 16 15.34 -19.12 3.35
CA ASN B 16 14.68 -19.47 2.11
C ASN B 16 14.71 -18.29 1.15
N SER B 17 14.37 -18.57 -0.12
CA SER B 17 14.38 -17.52 -1.13
C SER B 17 13.42 -16.39 -0.79
N ASP B 18 12.39 -16.68 -0.01
CA ASP B 18 11.46 -15.64 0.43
C ASP B 18 11.94 -14.89 1.66
N GLY B 19 13.14 -15.19 2.16
CA GLY B 19 13.66 -14.57 3.35
C GLY B 19 13.26 -15.25 4.64
N SER B 20 12.34 -16.21 4.59
CA SER B 20 11.91 -16.92 5.79
C SER B 20 13.04 -17.80 6.31
N SER B 21 13.22 -17.80 7.63
CA SER B 21 14.23 -18.64 8.27
C SER B 21 13.69 -20.06 8.40
N ASN B 22 14.31 -21.00 7.68
CA ASN B 22 13.90 -22.39 7.69
C ASN B 22 14.38 -23.06 8.97
N ILE B 23 13.70 -22.73 10.07
CA ILE B 23 14.07 -23.19 11.41
C ILE B 23 12.80 -23.46 12.19
N THR B 24 12.66 -24.69 12.70
CA THR B 24 11.55 -25.04 13.57
C THR B 24 11.73 -24.37 14.94
N ARG B 25 10.65 -24.31 15.70
CA ARG B 25 10.74 -23.84 17.08
C ARG B 25 9.93 -24.76 17.98
N LEU B 26 10.41 -24.94 19.20
CA LEU B 26 9.81 -25.90 20.13
C LEU B 26 8.41 -25.45 20.53
N GLY B 27 7.68 -26.39 21.13
CA GLY B 27 6.36 -26.12 21.65
C GLY B 27 5.41 -25.54 20.62
N LEU B 28 5.00 -26.36 19.65
CA LEU B 28 4.03 -25.88 18.67
C LEU B 28 2.71 -25.51 19.35
N GLU B 29 2.25 -26.34 20.28
CA GLU B 29 1.08 -26.06 21.12
C GLU B 29 -0.17 -25.74 20.29
N LEU B 34 -6.97 -20.09 24.20
CA LEU B 34 -6.09 -19.23 23.41
C LEU B 34 -6.11 -17.78 23.91
N ASP B 35 -4.96 -17.32 24.42
CA ASP B 35 -4.83 -15.94 24.89
C ASP B 35 -4.27 -15.00 23.82
N ASP B 36 -3.47 -15.51 22.89
CA ASP B 36 -3.07 -14.76 21.70
C ASP B 36 -4.14 -14.80 20.61
N HIS B 37 -5.40 -14.63 20.99
CA HIS B 37 -6.52 -14.80 20.07
C HIS B 37 -6.48 -13.78 18.95
N TYR B 38 -6.20 -12.51 19.29
CA TYR B 38 -6.21 -11.45 18.29
C TYR B 38 -5.18 -11.72 17.20
N HIS B 39 -4.03 -12.27 17.57
CA HIS B 39 -3.06 -12.68 16.56
C HIS B 39 -3.56 -13.87 15.76
N ASP B 40 -4.22 -14.82 16.43
CA ASP B 40 -4.73 -16.00 15.74
C ASP B 40 -5.84 -15.64 14.77
N LEU B 41 -6.74 -14.74 15.18
CA LEU B 41 -7.87 -14.39 14.32
C LEU B 41 -7.40 -13.76 13.02
N LEU B 42 -6.38 -12.91 13.09
CA LEU B 42 -5.86 -12.25 11.91
C LEU B 42 -5.00 -13.17 11.04
N THR B 43 -4.42 -14.23 11.62
CA THR B 43 -3.47 -15.07 10.89
C THR B 43 -4.10 -16.31 10.27
N VAL B 44 -5.23 -16.79 10.80
CA VAL B 44 -5.88 -17.96 10.22
C VAL B 44 -6.37 -17.63 8.80
N SER B 45 -6.49 -18.67 7.98
CA SER B 45 -6.90 -18.51 6.60
C SER B 45 -8.36 -18.05 6.50
N TRP B 46 -8.71 -17.50 5.34
CA TRP B 46 -10.06 -16.98 5.13
C TRP B 46 -11.14 -18.04 5.27
N PRO B 47 -11.04 -19.22 4.63
CA PRO B 47 -12.08 -20.23 4.87
C PRO B 47 -12.24 -20.57 6.34
N VAL B 48 -11.12 -20.67 7.07
CA VAL B 48 -11.20 -20.88 8.51
C VAL B 48 -11.80 -19.68 9.20
N PHE B 49 -11.47 -18.47 8.75
CA PHE B 49 -12.01 -17.27 9.37
C PHE B 49 -13.51 -17.14 9.14
N ILE B 50 -13.98 -17.44 7.93
CA ILE B 50 -15.41 -17.40 7.66
C ILE B 50 -16.13 -18.45 8.50
N THR B 51 -15.51 -19.62 8.65
CA THR B 51 -16.09 -20.68 9.46
C THR B 51 -16.17 -20.27 10.93
N LEU B 52 -15.11 -19.66 11.46
CA LEU B 52 -15.12 -19.24 12.85
C LEU B 52 -16.23 -18.23 13.10
N ILE B 53 -16.41 -17.27 12.19
CA ILE B 53 -17.50 -16.31 12.35
C ILE B 53 -18.84 -17.00 12.13
N THR B 54 -18.90 -17.93 11.18
CA THR B 54 -20.13 -18.70 10.98
C THR B 54 -20.45 -19.54 12.20
N GLY B 55 -19.50 -20.35 12.64
CA GLY B 55 -19.71 -21.18 13.82
C GLY B 55 -20.05 -20.36 15.05
N LEU B 56 -19.38 -19.23 15.24
CA LEU B 56 -19.72 -18.35 16.36
C LEU B 56 -21.13 -17.78 16.20
N TYR B 57 -21.58 -17.60 14.95
CA TYR B 57 -22.88 -17.00 14.71
C TYR B 57 -24.01 -17.97 15.05
N LEU B 58 -23.87 -19.24 14.65
CA LEU B 58 -24.90 -20.23 14.92
C LEU B 58 -24.94 -20.58 16.40
N VAL B 59 -23.78 -20.75 17.03
CA VAL B 59 -23.73 -21.03 18.46
C VAL B 59 -24.32 -19.87 19.25
N THR B 60 -24.08 -18.64 18.81
CA THR B 60 -24.62 -17.50 19.53
C THR B 60 -26.13 -17.38 19.34
N ASN B 61 -26.64 -17.78 18.17
CA ASN B 61 -28.09 -17.81 17.96
C ASN B 61 -28.72 -19.00 18.66
N ALA B 62 -28.01 -20.13 18.72
CA ALA B 62 -28.50 -21.29 19.46
C ALA B 62 -28.54 -21.03 20.96
N LEU B 63 -27.67 -20.15 21.45
CA LEU B 63 -27.66 -19.87 22.89
C LEU B 63 -28.80 -18.93 23.27
N PHE B 64 -29.03 -17.88 22.47
CA PHE B 64 -30.16 -16.98 22.74
C PHE B 64 -31.49 -17.70 22.62
N ALA B 65 -31.59 -18.71 21.76
CA ALA B 65 -32.83 -19.46 21.60
C ALA B 65 -33.23 -20.14 22.91
N LEU B 66 -32.28 -20.80 23.56
CA LEU B 66 -32.55 -21.44 24.83
C LEU B 66 -33.01 -20.44 25.89
N ALA B 67 -32.49 -19.22 25.83
CA ALA B 67 -32.90 -18.20 26.80
C ALA B 67 -34.37 -17.84 26.62
N TYR B 68 -34.85 -17.81 25.38
CA TYR B 68 -36.27 -17.57 25.14
C TYR B 68 -37.11 -18.76 25.58
N LEU B 69 -36.55 -19.97 25.49
CA LEU B 69 -37.27 -21.16 25.94
C LEU B 69 -37.21 -21.30 27.45
N ALA B 70 -36.11 -20.90 28.07
CA ALA B 70 -35.96 -20.98 29.52
C ALA B 70 -36.80 -19.95 30.26
N VAL B 71 -37.11 -18.81 29.61
CA VAL B 71 -37.99 -17.81 30.20
C VAL B 71 -39.46 -18.12 29.94
N GLY B 72 -39.76 -19.19 29.23
CA GLY B 72 -41.12 -19.53 28.90
C GLY B 72 -41.48 -19.13 27.48
N ASP B 73 -42.55 -19.73 26.98
CA ASP B 73 -43.02 -19.44 25.62
C ASP B 73 -43.45 -17.99 25.53
N VAL B 74 -42.53 -17.12 25.15
CA VAL B 74 -42.80 -15.69 25.03
C VAL B 74 -42.60 -15.21 23.59
N ILE B 75 -42.79 -16.10 22.61
CA ILE B 75 -42.70 -15.75 21.20
C ILE B 75 -44.03 -16.13 20.56
N GLU B 76 -44.77 -15.14 20.08
CA GLU B 76 -46.01 -15.43 19.38
C GLU B 76 -45.74 -16.22 18.11
N ASN B 77 -46.74 -17.00 17.69
CA ASN B 77 -46.67 -17.80 16.47
C ASN B 77 -45.53 -18.80 16.48
N ALA B 78 -44.97 -19.08 17.65
CA ALA B 78 -43.87 -20.03 17.81
C ALA B 78 -44.39 -21.29 18.49
N ARG B 79 -44.06 -22.44 17.93
CA ARG B 79 -44.40 -23.71 18.55
C ARG B 79 -43.74 -23.79 19.92
N PRO B 80 -44.50 -23.98 21.00
CA PRO B 80 -43.89 -23.96 22.33
C PRO B 80 -42.83 -25.05 22.49
N GLY B 81 -41.68 -24.66 23.01
CA GLY B 81 -40.60 -25.60 23.22
C GLY B 81 -39.86 -26.04 21.98
N SER B 82 -40.09 -25.37 20.84
CA SER B 82 -39.39 -25.70 19.61
C SER B 82 -38.11 -24.87 19.51
N PHE B 83 -36.98 -25.57 19.35
CA PHE B 83 -35.70 -24.87 19.30
C PHE B 83 -35.54 -24.07 18.02
N THR B 84 -36.10 -24.54 16.91
CA THR B 84 -35.93 -23.84 15.63
C THR B 84 -36.57 -22.47 15.66
N ASP B 85 -37.83 -22.38 16.11
CA ASP B 85 -38.52 -21.10 16.13
C ASP B 85 -37.83 -20.11 17.05
N ALA B 86 -37.29 -20.58 18.18
CA ALA B 86 -36.51 -19.71 19.04
C ALA B 86 -35.18 -19.35 18.40
N PHE B 87 -34.55 -20.30 17.70
CA PHE B 87 -33.33 -20.03 16.96
C PHE B 87 -33.60 -19.07 15.81
N PHE B 88 -34.71 -19.28 15.08
CA PHE B 88 -35.02 -18.44 13.94
C PHE B 88 -35.70 -17.14 14.32
N PHE B 89 -36.20 -17.04 15.56
CA PHE B 89 -36.54 -15.71 16.08
C PHE B 89 -35.28 -14.98 16.53
N SER B 90 -34.33 -15.71 17.13
CA SER B 90 -33.04 -15.13 17.45
C SER B 90 -32.33 -14.65 16.20
N VAL B 91 -32.31 -15.48 15.15
CA VAL B 91 -31.69 -15.07 13.90
C VAL B 91 -32.38 -13.83 13.33
N GLN B 92 -33.72 -13.80 13.39
CA GLN B 92 -34.44 -12.63 12.92
C GLN B 92 -34.25 -11.44 13.85
N THR B 93 -33.97 -11.69 15.13
CA THR B 93 -33.71 -10.60 16.06
C THR B 93 -32.25 -10.17 16.00
N MET B 94 -31.32 -11.13 15.90
CA MET B 94 -29.90 -10.79 15.78
C MET B 94 -29.62 -10.02 14.50
N ALA B 95 -30.20 -10.44 13.38
CA ALA B 95 -30.05 -9.75 12.11
C ALA B 95 -31.00 -8.57 11.96
N THR B 96 -31.87 -8.33 12.93
CA THR B 96 -32.82 -7.22 12.93
C THR B 96 -33.74 -7.26 11.71
N ILE B 97 -34.10 -8.47 11.25
CA ILE B 97 -35.04 -8.59 10.14
C ILE B 97 -36.45 -8.26 10.62
N GLY B 98 -36.86 -8.85 11.75
CA GLY B 98 -38.14 -8.56 12.35
C GLY B 98 -39.29 -8.73 11.38
N TYR B 99 -39.47 -9.95 10.88
CA TYR B 99 -40.52 -10.20 9.89
C TYR B 99 -41.89 -9.80 10.43
N GLY B 100 -42.25 -10.33 11.59
CA GLY B 100 -43.51 -9.90 12.18
C GLY B 100 -44.35 -11.02 12.76
N LYS B 101 -44.27 -12.22 12.19
CA LYS B 101 -45.02 -13.34 12.75
C LYS B 101 -44.52 -13.67 14.15
N LEU B 102 -43.24 -14.01 14.27
CA LEU B 102 -42.61 -14.27 15.56
C LEU B 102 -42.26 -12.95 16.22
N ILE B 103 -42.99 -12.58 17.28
CA ILE B 103 -42.69 -11.38 18.04
C ILE B 103 -42.59 -11.74 19.51
N PRO B 104 -41.84 -11.01 20.33
CA PRO B 104 -41.79 -11.30 21.76
C PRO B 104 -43.07 -10.84 22.47
N ILE B 105 -43.27 -11.40 23.66
CA ILE B 105 -44.45 -11.13 24.47
C ILE B 105 -44.01 -10.72 25.86
N GLY B 106 -44.66 -9.69 26.41
CA GLY B 106 -44.41 -9.24 27.75
C GLY B 106 -43.06 -8.56 27.91
N PRO B 107 -42.81 -8.00 29.09
CA PRO B 107 -41.56 -7.26 29.28
C PRO B 107 -40.32 -8.13 29.31
N LEU B 108 -40.43 -9.37 29.80
CA LEU B 108 -39.24 -10.20 29.95
C LEU B 108 -38.65 -10.60 28.60
N ALA B 109 -39.50 -10.96 27.64
CA ALA B 109 -38.99 -11.31 26.32
C ALA B 109 -38.33 -10.11 25.66
N ASN B 110 -38.93 -8.93 25.81
CA ASN B 110 -38.37 -7.73 25.19
C ASN B 110 -37.06 -7.32 25.83
N THR B 111 -36.91 -7.53 27.15
CA THR B 111 -35.62 -7.27 27.79
C THR B 111 -34.56 -8.22 27.27
N LEU B 112 -34.95 -9.42 26.85
CA LEU B 112 -34.02 -10.34 26.21
C LEU B 112 -33.77 -9.95 24.76
N VAL B 113 -34.73 -9.27 24.13
CA VAL B 113 -34.57 -8.81 22.76
C VAL B 113 -33.74 -7.53 22.70
N THR B 114 -33.94 -6.63 23.68
CA THR B 114 -33.17 -5.39 23.69
C THR B 114 -31.69 -5.65 23.96
N LEU B 115 -31.39 -6.73 24.69
CA LEU B 115 -30.01 -7.11 24.92
C LEU B 115 -29.44 -7.87 23.73
N GLU B 116 -30.27 -8.66 23.05
CA GLU B 116 -29.79 -9.40 21.87
C GLU B 116 -29.43 -8.45 20.74
N ALA B 117 -30.20 -7.39 20.56
CA ALA B 117 -29.87 -6.39 19.54
C ALA B 117 -28.58 -5.67 19.88
N LEU B 118 -28.36 -5.38 21.17
CA LEU B 118 -27.09 -4.81 21.60
C LEU B 118 -25.94 -5.76 21.26
N VAL B 119 -26.17 -7.07 21.38
CA VAL B 119 -25.16 -8.04 20.99
C VAL B 119 -24.96 -8.04 19.48
N GLY B 120 -26.03 -7.80 18.72
CA GLY B 120 -25.89 -7.77 17.27
C GLY B 120 -25.09 -6.59 16.79
N MET B 121 -25.25 -5.43 17.42
CA MET B 121 -24.50 -4.25 17.02
C MET B 121 -23.01 -4.43 17.32
N LEU B 122 -22.68 -4.76 18.57
CA LEU B 122 -21.28 -4.95 18.94
C LEU B 122 -20.68 -6.16 18.23
N GLY B 123 -21.49 -7.21 18.04
CA GLY B 123 -20.97 -8.41 17.40
C GLY B 123 -20.59 -8.19 15.95
N LEU B 124 -21.36 -7.35 15.24
CA LEU B 124 -21.01 -7.03 13.86
C LEU B 124 -19.73 -6.22 13.78
N ALA B 125 -19.57 -5.25 14.70
CA ALA B 125 -18.41 -4.36 14.65
C ALA B 125 -17.10 -5.13 14.82
N VAL B 126 -17.07 -6.07 15.76
CA VAL B 126 -15.88 -6.89 15.95
C VAL B 126 -15.60 -7.71 14.71
N ALA B 127 -16.66 -8.20 14.04
CA ALA B 127 -16.48 -8.87 12.76
C ALA B 127 -15.95 -7.91 11.71
N ALA B 128 -16.53 -6.72 11.65
CA ALA B 128 -16.04 -5.72 10.69
C ALA B 128 -14.59 -5.34 10.99
N CYS B 129 -14.25 -5.20 12.27
CA CYS B 129 -12.87 -4.91 12.64
C CYS B 129 -11.92 -6.02 12.20
N LEU B 130 -12.23 -7.26 12.57
CA LEU B 130 -11.38 -8.37 12.16
C LEU B 130 -11.30 -8.46 10.64
N ILE B 131 -12.43 -8.27 9.95
CA ILE B 131 -12.41 -8.32 8.49
C ILE B 131 -11.51 -7.21 7.95
N TYR B 132 -11.66 -6.00 8.46
CA TYR B 132 -10.89 -4.87 7.94
C TYR B 132 -9.40 -5.07 8.16
N ALA B 133 -9.01 -5.42 9.39
CA ALA B 133 -7.59 -5.57 9.69
C ALA B 133 -6.95 -6.72 8.90
N ARG B 134 -7.71 -7.76 8.60
CA ARG B 134 -7.17 -8.86 7.81
C ARG B 134 -6.93 -8.44 6.36
N CYS B 135 -7.71 -7.49 5.85
CA CYS B 135 -7.64 -7.14 4.44
C CYS B 135 -6.57 -6.08 4.13
N THR B 136 -6.46 -5.06 4.96
CA THR B 136 -5.52 -3.97 4.71
C THR B 136 -4.08 -4.42 4.91
N ARG B 137 -3.67 -5.47 4.20
CA ARG B 137 -2.29 -5.96 4.19
C ARG B 137 -1.82 -6.01 2.75
N PRO B 138 -1.57 -4.85 2.14
CA PRO B 138 -1.26 -4.85 0.70
C PRO B 138 0.13 -5.40 0.43
N THR B 139 0.21 -6.27 -0.56
CA THR B 139 1.49 -6.74 -1.04
C THR B 139 2.25 -5.61 -1.72
N ALA B 140 3.58 -5.66 -1.62
CA ALA B 140 4.39 -4.59 -2.20
C ALA B 140 4.34 -4.59 -3.72
N GLY B 141 4.24 -5.77 -4.34
CA GLY B 141 4.18 -5.85 -5.78
C GLY B 141 5.49 -5.55 -6.46
N VAL B 142 6.61 -5.88 -5.82
CA VAL B 142 7.94 -5.63 -6.35
C VAL B 142 8.58 -6.96 -6.68
N LEU B 143 9.34 -7.00 -7.76
CA LEU B 143 9.96 -8.21 -8.26
C LEU B 143 11.47 -8.17 -7.99
N PHE B 144 12.01 -9.28 -7.52
CA PHE B 144 13.43 -9.43 -7.25
C PHE B 144 14.12 -10.15 -8.40
N SER B 145 15.39 -9.82 -8.61
CA SER B 145 16.18 -10.51 -9.62
C SER B 145 16.45 -11.95 -9.16
N SER B 146 16.35 -12.88 -10.12
CA SER B 146 16.51 -14.30 -9.79
C SER B 146 17.88 -14.59 -9.19
N ARG B 147 18.91 -13.82 -9.57
CA ARG B 147 20.27 -14.10 -9.13
C ARG B 147 21.04 -12.79 -9.03
N MET B 148 22.15 -12.84 -8.29
CA MET B 148 23.04 -11.71 -8.12
C MET B 148 24.22 -11.80 -9.08
N VAL B 149 24.77 -10.64 -9.43
CA VAL B 149 25.94 -10.57 -10.30
C VAL B 149 26.98 -9.67 -9.65
N ILE B 150 28.25 -9.95 -9.93
CA ILE B 150 29.37 -9.16 -9.44
C ILE B 150 30.17 -8.75 -10.67
N SER B 151 30.01 -7.50 -11.10
CA SER B 151 30.76 -6.96 -12.22
C SER B 151 31.35 -5.61 -11.81
N ASP B 152 32.35 -5.18 -12.57
CA ASP B 152 32.98 -3.90 -12.28
C ASP B 152 32.05 -2.76 -12.64
N PHE B 153 32.03 -1.74 -11.77
CA PHE B 153 31.20 -0.57 -11.98
C PHE B 153 31.87 0.61 -11.31
N GLU B 154 32.13 1.67 -12.09
CA GLU B 154 32.83 2.86 -11.61
C GLU B 154 34.17 2.50 -11.01
N GLY B 155 34.83 1.50 -11.59
CA GLY B 155 36.14 1.06 -11.13
C GLY B 155 36.09 -0.17 -10.25
N LYS B 156 35.48 -0.04 -9.07
CA LYS B 156 35.44 -1.15 -8.12
C LYS B 156 34.58 -2.29 -8.65
N PRO B 157 34.87 -3.52 -8.26
CA PRO B 157 33.95 -4.64 -8.53
C PRO B 157 32.74 -4.52 -7.63
N THR B 158 31.55 -4.50 -8.22
CA THR B 158 30.33 -4.17 -7.50
C THR B 158 29.34 -5.32 -7.56
N LEU B 159 28.88 -5.77 -6.40
CA LEU B 159 27.79 -6.72 -6.33
C LEU B 159 26.47 -5.99 -6.45
N MET B 160 25.55 -6.55 -7.25
CA MET B 160 24.32 -5.84 -7.56
C MET B 160 23.18 -6.82 -7.84
N MET B 161 21.98 -6.45 -7.40
CA MET B 161 20.75 -7.13 -7.74
C MET B 161 19.68 -6.09 -8.08
N ARG B 162 18.66 -6.52 -8.82
CA ARG B 162 17.67 -5.60 -9.36
C ARG B 162 16.30 -5.78 -8.70
N LEU B 163 15.51 -4.70 -8.74
CA LEU B 163 14.17 -4.65 -8.18
C LEU B 163 13.26 -3.94 -9.17
N ALA B 164 12.13 -4.57 -9.48
CA ALA B 164 11.18 -4.01 -10.43
C ALA B 164 9.83 -3.77 -9.76
N ASN B 165 9.22 -2.63 -10.07
CA ASN B 165 7.89 -2.31 -9.60
C ASN B 165 6.88 -2.83 -10.61
N LEU B 166 6.09 -3.83 -10.22
CA LEU B 166 5.13 -4.45 -11.13
C LEU B 166 3.94 -3.53 -11.40
N ARG B 167 3.44 -2.85 -10.37
CA ARG B 167 2.25 -2.02 -10.50
C ARG B 167 2.60 -0.65 -11.08
N ILE B 168 1.57 0.02 -11.60
CA ILE B 168 1.76 1.32 -12.22
C ILE B 168 2.08 2.37 -11.16
N GLU B 169 1.39 2.32 -10.02
CA GLU B 169 1.58 3.31 -8.98
C GLU B 169 3.00 3.27 -8.44
N GLN B 170 3.55 4.44 -8.15
CA GLN B 170 4.91 4.54 -7.65
C GLN B 170 4.96 4.31 -6.15
N ILE B 171 6.15 3.97 -5.66
CA ILE B 171 6.41 3.75 -4.24
C ILE B 171 7.27 4.89 -3.73
N ILE B 172 6.86 5.47 -2.63
CA ILE B 172 7.53 6.62 -2.04
C ILE B 172 8.41 6.14 -0.89
N GLU B 173 9.53 6.83 -0.68
CA GLU B 173 10.44 6.53 0.42
C GLU B 173 10.88 5.06 0.38
N ALA B 174 11.33 4.62 -0.79
CA ALA B 174 11.72 3.23 -0.97
C ALA B 174 13.08 2.98 -0.34
N ASP B 175 13.15 2.01 0.55
CA ASP B 175 14.37 1.66 1.26
C ASP B 175 14.77 0.23 0.93
N VAL B 176 16.07 0.00 0.76
CA VAL B 176 16.61 -1.33 0.54
C VAL B 176 17.66 -1.61 1.61
N HIS B 177 17.58 -2.79 2.20
CA HIS B 177 18.52 -3.22 3.24
C HIS B 177 19.11 -4.55 2.80
N LEU B 178 20.38 -4.52 2.39
CA LEU B 178 21.09 -5.71 1.96
C LEU B 178 21.96 -6.20 3.11
N VAL B 179 21.80 -7.46 3.48
CA VAL B 179 22.47 -8.04 4.64
C VAL B 179 23.16 -9.33 4.22
N LEU B 180 24.43 -9.47 4.59
CA LEU B 180 25.16 -10.72 4.44
C LEU B 180 25.12 -11.46 5.76
N VAL B 181 24.44 -12.61 5.79
CA VAL B 181 24.44 -13.50 6.95
C VAL B 181 25.44 -14.62 6.69
N ARG B 182 26.32 -14.84 7.66
CA ARG B 182 27.46 -15.74 7.45
C ARG B 182 27.94 -16.25 8.80
N SER B 183 28.45 -17.47 8.81
CA SER B 183 28.99 -18.09 10.01
C SER B 183 30.49 -17.78 10.12
N GLU B 184 30.89 -17.17 11.23
CA GLU B 184 32.27 -16.79 11.48
C GLU B 184 32.71 -17.30 12.84
N ILE B 185 33.99 -17.10 13.16
CA ILE B 185 34.56 -17.49 14.44
C ILE B 185 35.11 -16.25 15.12
N SER B 186 34.83 -16.12 16.41
CA SER B 186 35.28 -14.98 17.20
C SER B 186 36.63 -15.31 17.84
N GLN B 187 37.13 -14.41 18.69
CA GLN B 187 38.38 -14.70 19.39
C GLN B 187 38.18 -15.83 20.40
N GLU B 188 37.00 -15.91 21.02
CA GLU B 188 36.74 -16.99 21.95
C GLU B 188 36.81 -18.35 21.24
N GLY B 189 36.33 -18.42 20.01
CA GLY B 189 36.38 -19.65 19.23
C GLY B 189 35.06 -20.35 19.13
N MET B 190 34.05 -19.67 18.60
CA MET B 190 32.73 -20.25 18.38
C MET B 190 32.27 -19.96 16.96
N VAL B 191 31.58 -20.92 16.35
CA VAL B 191 31.04 -20.76 15.00
C VAL B 191 29.61 -20.27 15.15
N PHE B 192 29.45 -18.95 15.23
CA PHE B 192 28.14 -18.33 15.34
C PHE B 192 27.74 -17.71 14.01
N ARG B 193 26.45 -17.38 13.89
CA ARG B 193 25.94 -16.68 12.72
C ARG B 193 26.01 -15.18 12.96
N ARG B 194 26.53 -14.45 11.97
CA ARG B 194 26.70 -13.00 12.07
C ARG B 194 26.08 -12.32 10.86
N PHE B 195 25.36 -11.22 11.12
CA PHE B 195 24.68 -10.46 10.09
C PHE B 195 25.50 -9.21 9.78
N HIS B 196 25.87 -9.05 8.51
CA HIS B 196 26.66 -7.91 8.05
C HIS B 196 25.79 -7.00 7.19
N ASP B 197 25.80 -5.71 7.49
CA ASP B 197 25.15 -4.72 6.63
C ASP B 197 26.09 -4.36 5.49
N LEU B 198 25.60 -4.47 4.26
CA LEU B 198 26.37 -4.15 3.06
C LEU B 198 26.00 -2.74 2.63
N THR B 199 26.97 -1.83 2.71
CA THR B 199 26.76 -0.47 2.23
C THR B 199 26.35 -0.48 0.76
N LEU B 200 25.43 0.40 0.40
CA LEU B 200 24.97 0.48 -0.97
C LEU B 200 25.28 1.85 -1.55
N THR B 201 25.58 1.87 -2.85
CA THR B 201 25.64 3.14 -3.58
C THR B 201 24.40 3.97 -3.30
N ARG B 202 23.23 3.33 -3.31
CA ARG B 202 21.97 4.00 -3.01
C ARG B 202 21.17 3.09 -2.07
N SER B 203 20.76 3.64 -0.93
CA SER B 203 19.96 2.92 0.04
C SER B 203 18.55 3.51 0.18
N ARG B 204 18.25 4.57 -0.56
CA ARG B 204 16.96 5.26 -0.47
C ARG B 204 16.63 5.84 -1.83
N SER B 205 15.44 5.51 -2.33
CA SER B 205 14.93 6.11 -3.57
C SER B 205 13.67 6.89 -3.23
N PRO B 206 13.66 8.22 -3.37
CA PRO B 206 12.46 8.98 -3.02
C PRO B 206 11.22 8.51 -3.76
N ILE B 207 11.32 8.35 -5.09
CA ILE B 207 10.20 7.88 -5.91
C ILE B 207 10.66 6.66 -6.69
N PHE B 208 10.01 5.53 -6.45
CA PHE B 208 10.31 4.27 -7.13
C PHE B 208 9.19 4.01 -8.13
N SER B 209 9.47 4.25 -9.42
CA SER B 209 8.48 4.07 -10.47
C SER B 209 8.63 2.72 -11.18
N LEU B 210 9.85 2.39 -11.61
CA LEU B 210 10.05 1.28 -12.52
C LEU B 210 11.00 0.23 -11.97
N SER B 211 12.30 0.38 -12.27
CA SER B 211 13.31 -0.56 -11.82
C SER B 211 14.37 0.17 -11.00
N TRP B 212 14.91 -0.54 -10.01
CA TRP B 212 15.94 0.01 -9.13
C TRP B 212 17.04 -1.04 -9.03
N THR B 213 18.23 -0.70 -9.53
CA THR B 213 19.37 -1.60 -9.48
C THR B 213 20.22 -1.27 -8.26
N VAL B 214 20.10 -2.10 -7.23
CA VAL B 214 20.86 -1.93 -6.00
C VAL B 214 22.28 -2.40 -6.25
N MET B 215 23.26 -1.70 -5.67
CA MET B 215 24.67 -1.95 -5.88
C MET B 215 25.41 -1.94 -4.54
N HIS B 216 26.31 -2.90 -4.36
CA HIS B 216 27.20 -2.91 -3.21
C HIS B 216 28.65 -2.85 -3.69
N PRO B 217 29.29 -1.69 -3.65
CA PRO B 217 30.72 -1.64 -4.02
C PRO B 217 31.55 -2.44 -3.03
N ILE B 218 32.49 -3.22 -3.56
CA ILE B 218 33.34 -4.08 -2.74
C ILE B 218 34.66 -3.32 -2.55
N ASP B 219 34.74 -2.57 -1.45
CA ASP B 219 35.92 -1.77 -1.15
C ASP B 219 36.58 -2.26 0.13
N HIS B 220 37.29 -1.36 0.84
CA HIS B 220 37.94 -1.74 2.09
C HIS B 220 36.94 -2.05 3.19
N HIS B 221 35.71 -1.58 3.06
CA HIS B 221 34.66 -1.77 4.06
C HIS B 221 33.60 -2.69 3.47
N SER B 222 33.93 -3.98 3.36
CA SER B 222 33.02 -4.98 2.82
C SER B 222 33.45 -6.37 3.26
N PRO B 223 32.58 -7.15 3.90
CA PRO B 223 32.96 -8.53 4.26
C PRO B 223 33.26 -9.39 3.05
N ILE B 224 32.71 -9.05 1.88
CA ILE B 224 32.98 -9.80 0.66
C ILE B 224 34.36 -9.52 0.08
N TYR B 225 35.04 -8.48 0.59
CA TYR B 225 36.34 -8.09 0.04
C TYR B 225 37.37 -9.20 0.22
N GLY B 226 38.00 -9.59 -0.88
CA GLY B 226 38.99 -10.65 -0.85
C GLY B 226 38.41 -12.05 -0.77
N GLU B 227 37.11 -12.21 -0.97
CA GLU B 227 36.45 -13.51 -0.88
C GLU B 227 36.12 -13.99 -2.28
N THR B 228 36.62 -15.18 -2.63
CA THR B 228 36.35 -15.76 -3.93
C THR B 228 35.01 -16.49 -3.93
N ASP B 229 34.69 -17.09 -5.07
CA ASP B 229 33.49 -17.91 -5.17
C ASP B 229 33.56 -19.10 -4.23
N GLU B 230 34.72 -19.73 -4.11
CA GLU B 230 34.86 -20.90 -3.25
C GLU B 230 34.76 -20.52 -1.78
N THR B 231 35.22 -19.33 -1.41
CA THR B 231 35.20 -18.92 -0.01
C THR B 231 33.78 -18.64 0.47
N LEU B 232 32.96 -17.99 -0.37
CA LEU B 232 31.58 -17.72 0.00
C LEU B 232 30.79 -19.01 0.17
N ARG B 233 31.04 -19.99 -0.70
CA ARG B 233 30.31 -21.25 -0.63
C ARG B 233 30.69 -22.05 0.61
N ASN B 234 31.99 -22.10 0.93
CA ASN B 234 32.47 -22.89 2.06
C ASN B 234 32.16 -22.26 3.41
N SER B 235 31.65 -21.03 3.45
CA SER B 235 31.30 -20.37 4.69
C SER B 235 29.79 -20.26 4.88
N HIS B 236 29.00 -20.87 4.01
CA HIS B 236 27.53 -20.84 4.08
C HIS B 236 27.03 -19.40 4.07
N SER B 237 27.55 -18.61 3.13
CA SER B 237 27.19 -17.20 3.05
C SER B 237 25.86 -17.03 2.33
N GLU B 238 25.02 -16.16 2.91
CA GLU B 238 23.73 -15.83 2.32
C GLU B 238 23.48 -14.33 2.46
N PHE B 239 22.67 -13.80 1.54
CA PHE B 239 22.47 -12.36 1.40
C PHE B 239 20.99 -12.03 1.56
N LEU B 240 20.64 -11.46 2.70
CA LEU B 240 19.26 -11.11 3.03
C LEU B 240 18.93 -9.72 2.51
N VAL B 241 17.80 -9.60 1.81
CA VAL B 241 17.39 -8.34 1.18
C VAL B 241 16.04 -7.93 1.74
N LEU B 242 15.90 -6.64 2.05
CA LEU B 242 14.66 -6.09 2.56
C LEU B 242 14.31 -4.81 1.82
N PHE B 243 13.16 -4.81 1.17
CA PHE B 243 12.59 -3.61 0.57
C PHE B 243 11.52 -3.03 1.49
N THR B 244 11.47 -1.71 1.56
CA THR B 244 10.48 -1.02 2.37
C THR B 244 10.14 0.29 1.69
N GLY B 245 8.85 0.61 1.64
CA GLY B 245 8.43 1.85 1.01
C GLY B 245 7.00 2.16 1.38
N HIS B 246 6.52 3.27 0.84
CA HIS B 246 5.15 3.73 1.05
C HIS B 246 4.49 3.78 -0.32
N HIS B 247 3.58 2.84 -0.57
CA HIS B 247 2.96 2.71 -1.88
C HIS B 247 1.87 3.76 -2.06
N GLU B 248 1.81 4.33 -3.27
CA GLU B 248 0.80 5.34 -3.56
C GLU B 248 -0.58 4.71 -3.78
N ALA B 249 -0.61 3.46 -4.20
CA ALA B 249 -1.88 2.80 -4.52
C ALA B 249 -2.74 2.58 -3.27
N PHE B 250 -2.11 2.46 -2.10
CA PHE B 250 -2.83 2.20 -0.87
C PHE B 250 -2.70 3.31 0.16
N ALA B 251 -1.79 4.27 -0.04
CA ALA B 251 -1.43 5.24 1.00
C ALA B 251 -1.03 4.52 2.28
N GLN B 252 -0.35 3.39 2.10
CA GLN B 252 0.03 2.50 3.19
C GLN B 252 1.45 2.01 2.97
N ASN B 253 2.10 1.60 4.05
CA ASN B 253 3.46 1.08 3.97
C ASN B 253 3.44 -0.37 3.48
N VAL B 254 4.30 -0.67 2.51
CA VAL B 254 4.47 -2.02 1.99
C VAL B 254 5.94 -2.39 2.07
N HIS B 255 6.21 -3.69 1.98
CA HIS B 255 7.56 -4.20 2.13
C HIS B 255 7.67 -5.55 1.44
N ALA B 256 8.91 -5.98 1.23
CA ALA B 256 9.20 -7.29 0.64
C ALA B 256 10.56 -7.75 1.16
N ARG B 257 10.74 -9.06 1.24
CA ARG B 257 12.00 -9.65 1.69
C ARG B 257 12.42 -10.74 0.72
N HIS B 258 13.71 -11.07 0.74
CA HIS B 258 14.29 -12.03 -0.18
C HIS B 258 15.69 -12.37 0.30
N ALA B 259 16.15 -13.56 -0.07
CA ALA B 259 17.48 -14.01 0.33
C ALA B 259 18.13 -14.78 -0.81
N TYR B 260 19.44 -14.57 -0.96
CA TYR B 260 20.27 -15.26 -1.93
C TYR B 260 21.30 -16.10 -1.19
N SER B 261 21.92 -17.03 -1.92
CA SER B 261 23.00 -17.85 -1.39
C SER B 261 24.26 -17.62 -2.22
N SER B 262 25.37 -18.18 -1.75
CA SER B 262 26.64 -18.01 -2.45
C SER B 262 26.58 -18.58 -3.86
N ASP B 263 25.82 -19.67 -4.04
CA ASP B 263 25.72 -20.28 -5.37
C ASP B 263 24.90 -19.44 -6.32
N GLU B 264 23.95 -18.65 -5.80
CA GLU B 264 23.08 -17.84 -6.64
C GLU B 264 23.78 -16.61 -7.21
N ILE B 265 24.96 -16.26 -6.72
CA ILE B 265 25.75 -15.18 -7.28
C ILE B 265 26.58 -15.73 -8.43
N ILE B 266 26.60 -15.02 -9.56
CA ILE B 266 27.47 -15.36 -10.68
C ILE B 266 28.45 -14.22 -10.88
N TRP B 267 29.73 -14.56 -10.99
CA TRP B 267 30.79 -13.56 -11.08
C TRP B 267 31.07 -13.21 -12.54
N GLY B 268 31.27 -11.91 -12.79
CA GLY B 268 31.44 -11.43 -14.13
C GLY B 268 30.15 -11.21 -14.90
N GLY B 269 29.00 -11.36 -14.22
CA GLY B 269 27.72 -11.18 -14.89
C GLY B 269 27.36 -9.71 -15.01
N HIS B 270 26.67 -9.40 -16.10
CA HIS B 270 26.25 -8.03 -16.41
C HIS B 270 24.75 -8.04 -16.70
N PHE B 271 23.98 -7.43 -15.82
CA PHE B 271 22.52 -7.43 -15.96
C PHE B 271 22.13 -6.82 -17.30
N VAL B 272 21.35 -7.56 -18.09
CA VAL B 272 20.90 -7.06 -19.38
C VAL B 272 19.99 -5.85 -19.17
N ASP B 273 20.12 -4.87 -20.05
CA ASP B 273 19.34 -3.63 -19.93
C ASP B 273 17.85 -3.93 -20.00
N VAL B 274 17.12 -3.52 -18.96
CA VAL B 274 15.68 -3.73 -18.92
C VAL B 274 14.95 -2.76 -19.83
N PHE B 275 15.47 -1.55 -20.01
CA PHE B 275 14.83 -0.54 -20.86
C PHE B 275 15.18 -0.80 -22.31
N THR B 276 14.15 -0.76 -23.18
CA THR B 276 14.33 -0.97 -24.61
C THR B 276 13.72 0.20 -25.36
N THR B 277 13.72 0.10 -26.70
CA THR B 277 13.13 1.11 -27.56
C THR B 277 12.08 0.45 -28.45
N LEU B 278 10.84 0.93 -28.36
CA LEU B 278 9.75 0.33 -29.11
C LEU B 278 9.86 0.66 -30.59
N PRO B 279 9.22 -0.15 -31.45
CA PRO B 279 9.26 0.14 -32.90
C PRO B 279 8.67 1.48 -33.25
N ASP B 280 7.63 1.91 -32.53
CA ASP B 280 7.03 3.22 -32.78
C ASP B 280 8.07 4.33 -32.71
N GLY B 281 8.66 4.52 -31.54
CA GLY B 281 9.61 5.59 -31.32
C GLY B 281 9.52 6.13 -29.92
N ARG B 282 8.95 5.35 -29.01
CA ARG B 282 8.78 5.73 -27.62
C ARG B 282 9.60 4.80 -26.74
N ARG B 283 10.06 5.33 -25.61
CA ARG B 283 10.80 4.53 -24.65
C ARG B 283 9.85 3.61 -23.89
N ALA B 284 10.27 2.36 -23.69
CA ALA B 284 9.44 1.38 -23.02
C ALA B 284 10.28 0.55 -22.06
N LEU B 285 9.61 -0.25 -21.24
CA LEU B 285 10.25 -1.09 -20.24
C LEU B 285 9.82 -2.54 -20.43
N ASP B 286 10.77 -3.40 -20.78
CA ASP B 286 10.50 -4.82 -20.99
C ASP B 286 11.00 -5.61 -19.79
N LEU B 287 10.07 -6.19 -19.04
CA LEU B 287 10.46 -7.02 -17.91
C LEU B 287 10.82 -8.45 -18.31
N GLY B 288 10.64 -8.81 -19.59
CA GLY B 288 11.03 -10.14 -20.03
C GLY B 288 12.51 -10.40 -19.88
N LYS B 289 13.33 -9.35 -19.96
CA LYS B 289 14.77 -9.44 -19.77
C LYS B 289 15.20 -8.95 -18.40
N PHE B 290 14.35 -9.10 -17.39
CA PHE B 290 14.70 -8.63 -16.05
C PHE B 290 15.73 -9.54 -15.39
N HIS B 291 15.56 -10.86 -15.51
CA HIS B 291 16.50 -11.81 -14.92
C HIS B 291 17.65 -12.16 -15.85
N GLU B 292 17.65 -11.67 -17.08
CA GLU B 292 18.72 -11.99 -18.03
C GLU B 292 20.03 -11.35 -17.60
N ILE B 293 21.12 -12.07 -17.83
CA ILE B 293 22.45 -11.64 -17.42
C ILE B 293 23.42 -11.91 -18.56
N ALA B 294 24.26 -10.92 -18.89
CA ALA B 294 25.29 -11.05 -19.92
C ALA B 294 26.64 -11.34 -19.28
N GLN B 295 27.62 -11.67 -20.13
CA GLN B 295 28.96 -11.98 -19.67
C GLN B 295 29.98 -11.08 -20.38
N HIS B 296 31.08 -10.82 -19.68
CA HIS B 296 32.17 -10.02 -20.23
C HIS B 296 33.53 -10.63 -19.90
#